data_4EVW
#
_entry.id   4EVW
#
_cell.length_a   48.303
_cell.length_b   117.003
_cell.length_c   128.561
_cell.angle_alpha   90.000
_cell.angle_beta   90.000
_cell.angle_gamma   90.000
#
_symmetry.space_group_name_H-M   'P 21 21 21'
#
loop_
_entity.id
_entity.type
_entity.pdbx_description
1 polymer 'Nucleoside-diphosphate-sugar pyrophosphorylase'
2 non-polymer 'MAGNESIUM ION'
3 water water
#
_entity_poly.entity_id   1
_entity_poly.type   'polypeptide(L)'
_entity_poly.pdbx_seq_one_letter_code
;(MSE)IVIP(MSE)AG(MSE)SSRFFKAGYTQPKY(MSE)LEAHGQTLFEHSVNSFAAYFASTPFLFIVRNVYDTAVFVR
EKATQLGIKQFYIAELHTETRGQAETVTLGLEELAKQGVDYQGSITVFNIDTFRPNFVFPDISQHSDGYLEVFQGGGDNW
SFAKPEHAGSTKVIQTAEKNPISDLCSTGLYHFNRKEDYLEAYREYVARPSQEWERGELYIAPLYNELIQKGLNIHYHLI
ARHEVIFCGVPDEYTDFLRQPQPLEHHHHHH
;
_entity_poly.pdbx_strand_id   A,B
#
loop_
_chem_comp.id
_chem_comp.type
_chem_comp.name
_chem_comp.formula
MG non-polymer 'MAGNESIUM ION' 'Mg 2'
#
# COMPACT_ATOMS: atom_id res chain seq x y z
N MSE A 1 5.14 2.59 23.47
CA MSE A 1 3.94 3.07 24.21
C MSE A 1 2.92 3.67 23.25
O MSE A 1 3.27 4.50 22.41
CB MSE A 1 4.35 4.14 25.24
CG MSE A 1 3.18 4.67 26.03
SE MSE A 1 3.71 5.87 27.44
CE MSE A 1 4.58 4.61 28.62
N ILE A 2 1.68 3.25 23.40
CA ILE A 2 0.60 3.73 22.55
C ILE A 2 0.00 4.95 23.26
N VAL A 3 0.03 6.09 22.59
CA VAL A 3 -0.48 7.33 23.17
C VAL A 3 -1.73 7.78 22.44
N ILE A 4 -2.80 8.01 23.19
CA ILE A 4 -4.03 8.44 22.56
C ILE A 4 -4.47 9.78 23.08
N PRO A 5 -4.22 10.82 22.32
CA PRO A 5 -4.67 12.15 22.70
C PRO A 5 -6.18 12.26 22.50
N MSE A 6 -6.93 12.56 23.53
CA MSE A 6 -8.35 12.65 23.38
C MSE A 6 -8.91 13.72 24.26
O MSE A 6 -9.85 13.50 24.91
CB MSE A 6 -9.02 11.30 23.68
CG MSE A 6 -8.40 10.51 24.77
SE MSE A 6 -9.26 8.79 25.22
CE MSE A 6 -11.03 9.34 25.57
N ALA A 7 -8.28 14.88 24.24
CA ALA A 7 -8.64 15.98 25.07
C ALA A 7 -9.42 17.01 24.31
N GLY A 8 -9.60 16.80 23.05
CA GLY A 8 -10.34 17.75 22.23
C GLY A 8 -11.80 17.93 22.61
N MSE A 9 -12.58 18.43 21.67
N MSE A 9 -12.60 18.43 21.74
CA MSE A 9 -13.99 18.67 21.90
CA MSE A 9 -13.98 18.27 21.96
C MSE A 9 -14.78 18.12 20.72
C MSE A 9 -14.79 18.09 20.74
O MSE A 9 -14.36 18.21 19.57
O MSE A 9 -14.41 18.39 19.65
CB MSE A 9 -14.22 20.17 22.06
CB MSE A 9 -14.58 19.26 22.93
CG MSE A 9 -15.64 20.57 22.42
CG MSE A 9 -14.81 18.64 24.37
SE MSE A 9 -15.73 22.41 22.98
SE MSE A 9 -15.49 16.81 24.77
CE MSE A 9 -15.40 22.18 24.87
CE MSE A 9 -13.85 15.92 25.32
N SER A 10 -15.94 17.52 21.01
CA SER A 10 -16.80 16.93 20.00
C SER A 10 -17.81 17.92 19.43
N SER A 11 -17.34 19.10 19.04
CA SER A 11 -18.23 20.14 18.53
C SER A 11 -19.18 19.76 17.39
N ARG A 12 -18.68 19.07 16.37
CA ARG A 12 -19.55 18.67 15.26
C ARG A 12 -20.63 17.70 15.73
N PHE A 13 -20.26 16.83 16.67
CA PHE A 13 -21.22 15.87 17.20
C PHE A 13 -22.23 16.59 18.09
N PHE A 14 -21.79 17.62 18.82
CA PHE A 14 -22.70 18.39 19.65
C PHE A 14 -23.76 19.03 18.74
N LYS A 15 -23.31 19.68 17.68
CA LYS A 15 -24.22 20.30 16.75
C LYS A 15 -25.14 19.27 16.10
N ALA A 16 -24.64 18.06 15.88
CA ALA A 16 -25.44 17.00 15.27
C ALA A 16 -26.51 16.49 16.23
N GLY A 17 -26.43 16.89 17.50
CA GLY A 17 -27.44 16.47 18.45
C GLY A 17 -27.04 15.50 19.55
N TYR A 18 -25.76 15.16 19.62
CA TYR A 18 -25.30 14.25 20.65
C TYR A 18 -24.86 15.06 21.85
N THR A 19 -25.20 14.59 23.05
CA THR A 19 -24.85 15.31 24.26
C THR A 19 -23.63 14.69 24.96
N GLN A 20 -23.25 13.50 24.54
CA GLN A 20 -22.08 12.82 25.11
C GLN A 20 -20.86 13.03 24.21
N PRO A 21 -19.65 13.02 24.79
CA PRO A 21 -18.50 13.20 23.91
C PRO A 21 -18.46 12.01 22.95
N LYS A 22 -18.00 12.26 21.73
CA LYS A 22 -17.96 11.23 20.70
C LYS A 22 -17.39 9.87 21.08
N TYR A 23 -16.32 9.83 21.87
CA TYR A 23 -15.74 8.55 22.24
C TYR A 23 -16.62 7.69 23.15
N MSE A 24 -17.68 8.29 23.69
CA MSE A 24 -18.61 7.54 24.55
C MSE A 24 -19.82 7.05 23.77
O MSE A 24 -20.66 6.32 24.31
CB MSE A 24 -19.07 8.39 25.73
CG MSE A 24 -17.98 8.72 26.74
SE MSE A 24 -18.68 9.62 28.32
CE MSE A 24 -17.00 9.96 29.23
N LEU A 25 -19.93 7.46 22.52
CA LEU A 25 -21.07 7.02 21.69
C LEU A 25 -20.93 5.53 21.46
N GLU A 26 -22.05 4.84 21.28
CA GLU A 26 -22.03 3.39 21.09
C GLU A 26 -22.36 2.95 19.66
N ALA A 27 -21.82 1.80 19.27
CA ALA A 27 -22.06 1.25 17.96
C ALA A 27 -21.75 -0.24 17.98
N HIS A 28 -22.68 -1.04 17.50
CA HIS A 28 -22.51 -2.48 17.44
C HIS A 28 -22.09 -3.14 18.75
N GLY A 29 -22.62 -2.63 19.86
CA GLY A 29 -22.31 -3.23 21.15
C GLY A 29 -21.21 -2.64 22.00
N GLN A 30 -20.50 -1.64 21.49
CA GLN A 30 -19.43 -1.03 22.27
C GLN A 30 -19.16 0.42 21.89
N THR A 31 -18.52 1.15 22.79
CA THR A 31 -18.21 2.56 22.58
C THR A 31 -17.16 2.78 21.48
N LEU A 32 -17.18 3.95 20.88
CA LEU A 32 -16.22 4.26 19.84
C LEU A 32 -14.82 4.18 20.45
N PHE A 33 -14.71 4.50 21.75
CA PHE A 33 -13.42 4.42 22.43
C PHE A 33 -12.90 2.98 22.33
N GLU A 34 -13.77 2.03 22.62
CA GLU A 34 -13.40 0.61 22.56
C GLU A 34 -13.07 0.16 21.13
N HIS A 35 -13.87 0.60 20.16
CA HIS A 35 -13.61 0.24 18.77
C HIS A 35 -12.22 0.70 18.36
N SER A 36 -11.85 1.90 18.78
CA SER A 36 -10.55 2.43 18.43
C SER A 36 -9.39 1.77 19.16
N VAL A 37 -9.50 1.66 20.48
CA VAL A 37 -8.42 1.05 21.26
C VAL A 37 -8.26 -0.44 20.95
N ASN A 38 -9.35 -1.10 20.59
CA ASN A 38 -9.25 -2.53 20.26
C ASN A 38 -8.38 -2.78 19.05
N SER A 39 -8.08 -1.71 18.30
CA SER A 39 -7.19 -1.83 17.14
C SER A 39 -5.91 -2.48 17.61
N PHE A 40 -5.51 -2.12 18.84
CA PHE A 40 -4.27 -2.61 19.43
C PHE A 40 -4.38 -3.80 20.39
N ALA A 41 -5.43 -4.59 20.23
CA ALA A 41 -5.64 -5.73 21.11
C ALA A 41 -4.44 -6.67 21.24
N ALA A 42 -3.65 -6.80 20.18
CA ALA A 42 -2.49 -7.68 20.23
C ALA A 42 -1.43 -7.18 21.21
N TYR A 43 -1.55 -5.92 21.63
CA TYR A 43 -0.58 -5.32 22.54
C TYR A 43 -1.06 -5.02 23.95
N PHE A 44 -2.29 -5.44 24.25
CA PHE A 44 -2.86 -5.20 25.58
C PHE A 44 -2.06 -5.78 26.73
N ALA A 45 -1.43 -6.93 26.49
CA ALA A 45 -0.68 -7.58 27.56
C ALA A 45 0.77 -7.13 27.73
N SER A 46 1.33 -6.55 26.68
CA SER A 46 2.74 -6.17 26.66
C SER A 46 3.16 -4.72 26.58
N THR A 47 2.28 -3.89 26.04
CA THR A 47 2.63 -2.50 25.78
C THR A 47 1.87 -1.49 26.63
N PRO A 48 2.57 -0.48 27.15
CA PRO A 48 1.86 0.51 27.95
C PRO A 48 1.02 1.44 27.07
N PHE A 49 -0.09 1.92 27.60
CA PHE A 49 -0.97 2.85 26.91
C PHE A 49 -1.07 4.11 27.73
N LEU A 50 -1.04 5.26 27.07
CA LEU A 50 -1.20 6.54 27.76
C LEU A 50 -2.43 7.21 27.16
N PHE A 51 -3.45 7.41 27.98
CA PHE A 51 -4.66 8.06 27.53
C PHE A 51 -4.62 9.49 28.06
N ILE A 52 -4.70 10.46 27.16
CA ILE A 52 -4.64 11.86 27.58
C ILE A 52 -6.02 12.43 27.39
N VAL A 53 -6.68 12.70 28.52
CA VAL A 53 -8.04 13.19 28.51
C VAL A 53 -8.18 14.54 29.15
N ARG A 54 -9.40 15.04 29.07
CA ARG A 54 -9.71 16.31 29.67
C ARG A 54 -10.62 16.10 30.87
N ASN A 55 -10.61 17.07 31.78
CA ASN A 55 -11.43 16.98 32.98
C ASN A 55 -12.90 17.28 32.73
N VAL A 56 -13.50 16.60 31.76
CA VAL A 56 -14.91 16.79 31.45
C VAL A 56 -15.61 15.44 31.27
N TYR A 57 -16.93 15.44 31.48
CA TYR A 57 -17.77 14.25 31.35
C TYR A 57 -17.30 13.02 32.10
N ASP A 58 -16.52 13.22 33.16
CA ASP A 58 -16.02 12.11 33.95
C ASP A 58 -15.27 11.11 33.07
N THR A 59 -14.52 11.66 32.11
CA THR A 59 -13.77 10.85 31.16
C THR A 59 -12.66 10.00 31.76
N ALA A 60 -11.93 10.52 32.75
CA ALA A 60 -10.86 9.73 33.37
C ALA A 60 -11.42 8.42 33.92
N VAL A 61 -12.56 8.51 34.60
CA VAL A 61 -13.19 7.32 35.16
C VAL A 61 -13.65 6.37 34.04
N PHE A 62 -14.25 6.93 33.00
CA PHE A 62 -14.71 6.14 31.86
C PHE A 62 -13.55 5.36 31.22
N VAL A 63 -12.46 6.06 30.95
CA VAL A 63 -11.28 5.44 30.35
C VAL A 63 -10.67 4.36 31.24
N ARG A 64 -10.53 4.66 32.52
CA ARG A 64 -9.96 3.68 33.44
C ARG A 64 -10.81 2.42 33.46
N GLU A 65 -12.13 2.57 33.53
CA GLU A 65 -13.02 1.42 33.55
C GLU A 65 -12.95 0.61 32.25
N LYS A 66 -13.01 1.30 31.11
CA LYS A 66 -12.96 0.61 29.82
C LYS A 66 -11.61 -0.06 29.58
N ALA A 67 -10.52 0.62 29.91
CA ALA A 67 -9.19 0.05 29.70
C ALA A 67 -9.01 -1.22 30.54
N THR A 68 -9.47 -1.17 31.79
CA THR A 68 -9.36 -2.31 32.69
C THR A 68 -10.17 -3.47 32.11
N GLN A 69 -11.37 -3.14 31.67
CA GLN A 69 -12.22 -4.15 31.12
C GLN A 69 -11.67 -4.79 29.85
N LEU A 70 -11.00 -3.99 29.02
CA LEU A 70 -10.43 -4.50 27.78
C LEU A 70 -9.28 -5.43 28.05
N GLY A 71 -8.75 -5.35 29.27
CA GLY A 71 -7.63 -6.19 29.64
C GLY A 71 -6.29 -5.54 29.36
N ILE A 72 -6.25 -4.21 29.29
CA ILE A 72 -4.98 -3.54 29.05
C ILE A 72 -4.24 -3.61 30.39
N LYS A 73 -3.13 -4.35 30.41
CA LYS A 73 -2.39 -4.57 31.65
C LYS A 73 -1.59 -3.41 32.20
N GLN A 74 -1.14 -2.50 31.35
CA GLN A 74 -0.39 -1.34 31.84
C GLN A 74 -0.86 -0.10 31.12
N PHE A 75 -1.47 0.81 31.87
CA PHE A 75 -1.91 2.04 31.25
C PHE A 75 -1.86 3.19 32.22
N TYR A 76 -1.76 4.38 31.65
CA TYR A 76 -1.67 5.60 32.42
C TYR A 76 -2.69 6.58 31.88
N ILE A 77 -3.18 7.45 32.76
CA ILE A 77 -4.14 8.43 32.34
C ILE A 77 -3.61 9.79 32.77
N ALA A 78 -3.52 10.70 31.81
CA ALA A 78 -3.05 12.04 32.08
C ALA A 78 -4.27 12.92 31.86
N GLU A 79 -4.71 13.59 32.92
CA GLU A 79 -5.89 14.43 32.81
C GLU A 79 -5.49 15.90 32.67
N LEU A 80 -5.89 16.51 31.56
CA LEU A 80 -5.57 17.91 31.30
C LEU A 80 -6.75 18.77 31.75
N HIS A 81 -6.46 19.97 32.25
CA HIS A 81 -7.54 20.83 32.75
C HIS A 81 -7.90 22.01 31.86
N THR A 82 -7.16 22.20 30.77
CA THR A 82 -7.46 23.28 29.83
C THR A 82 -7.50 22.67 28.44
N GLU A 83 -8.15 23.34 27.51
CA GLU A 83 -8.21 22.86 26.13
C GLU A 83 -6.80 23.10 25.59
N THR A 84 -6.39 22.33 24.60
CA THR A 84 -5.07 22.51 24.00
C THR A 84 -5.25 23.06 22.59
N ARG A 85 -4.13 23.39 21.95
CA ARG A 85 -4.16 23.94 20.60
C ARG A 85 -4.17 22.84 19.55
N GLY A 86 -4.18 21.59 19.98
CA GLY A 86 -4.18 20.50 19.02
C GLY A 86 -3.50 19.25 19.56
N GLN A 87 -3.63 18.14 18.84
CA GLN A 87 -3.05 16.88 19.28
C GLN A 87 -1.57 16.90 19.66
N ALA A 88 -0.77 17.70 18.96
CA ALA A 88 0.65 17.74 19.27
C ALA A 88 0.87 18.31 20.67
N GLU A 89 0.10 19.34 21.04
CA GLU A 89 0.26 19.91 22.36
C GLU A 89 -0.31 18.93 23.40
N THR A 90 -1.42 18.29 23.07
CA THR A 90 -2.03 17.32 23.98
C THR A 90 -1.01 16.24 24.33
N VAL A 91 -0.34 15.70 23.32
CA VAL A 91 0.65 14.67 23.54
C VAL A 91 1.79 15.18 24.44
N THR A 92 2.32 16.36 24.13
CA THR A 92 3.41 16.92 24.94
C THR A 92 2.97 17.12 26.40
N LEU A 93 1.79 17.69 26.62
CA LEU A 93 1.31 17.90 27.98
C LEU A 93 1.04 16.57 28.68
N GLY A 94 0.59 15.58 27.92
CA GLY A 94 0.34 14.26 28.49
C GLY A 94 1.62 13.58 28.93
N LEU A 95 2.68 13.71 28.14
CA LEU A 95 3.96 13.11 28.48
C LEU A 95 4.55 13.82 29.69
N GLU A 96 4.31 15.13 29.78
CA GLU A 96 4.82 15.87 30.92
C GLU A 96 4.08 15.43 32.18
N GLU A 97 2.77 15.20 32.05
CA GLU A 97 1.96 14.75 33.19
C GLU A 97 2.41 13.34 33.61
N LEU A 98 2.73 12.50 32.63
CA LEU A 98 3.18 11.15 32.94
C LEU A 98 4.45 11.24 33.80
N ALA A 99 5.37 12.12 33.42
CA ALA A 99 6.61 12.27 34.21
C ALA A 99 6.28 12.82 35.59
N LYS A 100 5.29 13.69 35.69
CA LYS A 100 4.91 14.25 36.99
C LYS A 100 4.37 13.16 37.90
N GLN A 101 3.87 12.08 37.30
CA GLN A 101 3.34 10.96 38.09
C GLN A 101 4.47 10.06 38.56
N GLY A 102 5.70 10.39 38.17
CA GLY A 102 6.85 9.60 38.58
C GLY A 102 7.34 8.57 37.57
N VAL A 103 6.59 8.40 36.49
CA VAL A 103 6.96 7.43 35.46
C VAL A 103 8.08 7.99 34.58
N ASP A 104 9.19 7.25 34.50
CA ASP A 104 10.34 7.66 33.70
C ASP A 104 10.40 6.77 32.47
N TYR A 105 9.72 7.20 31.40
CA TYR A 105 9.68 6.40 30.18
C TYR A 105 10.50 7.09 29.08
N GLN A 106 11.38 6.33 28.43
CA GLN A 106 12.23 6.92 27.39
C GLN A 106 12.13 6.17 26.06
N GLY A 107 11.13 5.31 25.93
CA GLY A 107 11.00 4.53 24.72
C GLY A 107 10.23 5.18 23.59
N SER A 108 9.76 4.35 22.67
CA SER A 108 9.02 4.83 21.52
C SER A 108 7.62 5.27 21.89
N ILE A 109 7.02 6.10 21.05
CA ILE A 109 5.64 6.47 21.26
C ILE A 109 4.93 6.37 19.93
N THR A 110 3.74 5.80 19.98
CA THR A 110 2.90 5.60 18.81
C THR A 110 1.64 6.38 19.07
N VAL A 111 1.51 7.53 18.42
CA VAL A 111 0.34 8.37 18.62
C VAL A 111 -0.78 7.94 17.70
N PHE A 112 -1.98 7.81 18.25
CA PHE A 112 -3.12 7.39 17.47
C PHE A 112 -4.32 8.18 17.95
N ASN A 113 -5.39 8.25 17.16
CA ASN A 113 -6.53 9.01 17.62
C ASN A 113 -7.77 8.13 17.76
N ILE A 114 -8.64 8.55 18.67
CA ILE A 114 -9.84 7.82 18.97
C ILE A 114 -10.90 7.85 17.86
N ASP A 115 -10.66 8.64 16.81
CA ASP A 115 -11.59 8.76 15.68
C ASP A 115 -11.30 7.72 14.59
N THR A 116 -10.28 6.91 14.81
CA THR A 116 -9.88 5.95 13.80
C THR A 116 -9.84 4.52 14.30
N PHE A 117 -10.23 3.57 13.45
CA PHE A 117 -10.16 2.16 13.82
C PHE A 117 -9.22 1.48 12.84
N ARG A 118 -8.30 0.70 13.37
CA ARG A 118 -7.32 -0.04 12.57
C ARG A 118 -7.39 -1.47 13.06
N PRO A 119 -8.39 -2.23 12.62
CA PRO A 119 -8.50 -3.62 13.06
C PRO A 119 -7.25 -4.47 12.90
N ASN A 120 -6.95 -5.28 13.92
CA ASN A 120 -5.82 -6.19 13.90
C ASN A 120 -4.47 -5.52 13.62
N PHE A 121 -4.26 -4.35 14.20
CA PHE A 121 -3.00 -3.65 13.98
C PHE A 121 -1.81 -4.45 14.51
N VAL A 122 -0.74 -4.47 13.72
CA VAL A 122 0.53 -5.10 14.11
C VAL A 122 1.59 -4.14 13.58
N PHE A 123 2.59 -3.82 14.39
CA PHE A 123 3.63 -2.89 13.96
C PHE A 123 4.33 -3.45 12.73
N PRO A 124 4.63 -2.57 11.75
CA PRO A 124 5.31 -3.02 10.53
C PRO A 124 6.81 -3.14 10.77
N ASP A 125 7.49 -3.91 9.92
CA ASP A 125 8.91 -4.12 10.07
C ASP A 125 9.71 -2.81 10.04
N ILE A 126 9.25 -1.84 9.26
CA ILE A 126 9.96 -0.56 9.15
C ILE A 126 10.10 0.13 10.51
N SER A 127 9.22 -0.20 11.46
CA SER A 127 9.29 0.44 12.78
C SER A 127 10.55 0.02 13.54
N GLN A 128 11.19 -1.06 13.09
CA GLN A 128 12.42 -1.54 13.73
C GLN A 128 13.65 -1.06 12.97
N HIS A 129 13.44 -0.34 11.87
CA HIS A 129 14.56 0.13 11.04
C HIS A 129 14.42 1.59 10.63
N SER A 130 13.86 2.40 11.52
CA SER A 130 13.66 3.82 11.23
C SER A 130 13.58 4.60 12.53
N ASP A 131 13.71 5.92 12.44
CA ASP A 131 13.63 6.76 13.63
C ASP A 131 12.17 7.10 13.89
N GLY A 132 11.32 6.83 12.89
CA GLY A 132 9.90 7.10 13.02
C GLY A 132 9.20 6.83 11.71
N TYR A 133 7.88 6.65 11.75
CA TYR A 133 7.17 6.42 10.51
C TYR A 133 5.73 6.85 10.62
N LEU A 134 5.16 7.21 9.47
CA LEU A 134 3.77 7.63 9.39
C LEU A 134 3.03 6.56 8.63
N GLU A 135 1.91 6.10 9.18
CA GLU A 135 1.11 5.10 8.49
C GLU A 135 0.27 5.89 7.50
N VAL A 136 0.22 5.44 6.26
CA VAL A 136 -0.53 6.15 5.24
C VAL A 136 -1.41 5.25 4.38
N PHE A 137 -2.37 5.86 3.68
CA PHE A 137 -3.23 5.13 2.77
C PHE A 137 -3.40 6.00 1.54
N GLN A 138 -3.86 5.39 0.45
CA GLN A 138 -4.05 6.10 -0.81
C GLN A 138 -5.39 6.80 -0.68
N GLY A 139 -5.38 8.08 -0.31
CA GLY A 139 -6.62 8.80 -0.08
C GLY A 139 -7.12 9.85 -1.05
N GLY A 140 -8.44 10.08 -0.98
CA GLY A 140 -9.07 11.06 -1.84
C GLY A 140 -9.28 12.41 -1.21
N GLY A 141 -9.15 13.46 -2.02
CA GLY A 141 -9.36 14.79 -1.50
C GLY A 141 -8.12 15.48 -0.96
N ASP A 142 -8.34 16.64 -0.35
CA ASP A 142 -7.26 17.45 0.19
C ASP A 142 -7.28 17.65 1.70
N ASN A 143 -8.30 17.14 2.37
CA ASN A 143 -8.40 17.33 3.80
C ASN A 143 -7.74 16.24 4.65
N TRP A 144 -6.44 16.07 4.44
CA TRP A 144 -5.67 15.08 5.18
C TRP A 144 -4.30 15.66 5.42
N SER A 145 -3.50 14.96 6.21
CA SER A 145 -2.11 15.37 6.42
C SER A 145 -1.44 14.42 5.42
N PHE A 146 -0.48 14.95 4.68
CA PHE A 146 0.20 14.18 3.65
C PHE A 146 1.67 13.92 3.94
N ALA A 147 2.18 12.81 3.40
CA ALA A 147 3.59 12.48 3.54
C ALA A 147 4.10 12.37 2.11
N LYS A 148 5.20 13.05 1.82
CA LYS A 148 5.79 13.04 0.49
C LYS A 148 6.93 12.04 0.39
N PRO A 149 6.85 11.10 -0.56
CA PRO A 149 7.91 10.09 -0.74
C PRO A 149 9.13 10.63 -1.48
N GLU A 150 10.27 9.97 -1.27
CA GLU A 150 11.52 10.36 -1.90
C GLU A 150 11.47 9.89 -3.36
N HIS A 151 11.24 8.60 -3.58
CA HIS A 151 11.10 8.03 -4.93
C HIS A 151 10.58 6.61 -4.86
N ALA A 152 10.14 6.08 -6.00
CA ALA A 152 9.59 4.74 -6.06
C ALA A 152 10.56 3.69 -5.51
N GLY A 153 10.03 2.76 -4.73
CA GLY A 153 10.87 1.71 -4.17
C GLY A 153 11.49 2.04 -2.83
N SER A 154 11.30 3.28 -2.38
CA SER A 154 11.83 3.70 -1.08
C SER A 154 10.64 4.14 -0.24
N THR A 155 10.68 3.85 1.05
CA THR A 155 9.58 4.26 1.92
C THR A 155 9.99 5.49 2.70
N LYS A 156 11.10 6.10 2.29
CA LYS A 156 11.60 7.29 2.99
C LYS A 156 10.67 8.48 2.74
N VAL A 157 10.47 9.30 3.77
CA VAL A 157 9.62 10.48 3.67
C VAL A 157 10.51 11.72 3.71
N ILE A 158 10.29 12.65 2.77
CA ILE A 158 11.11 13.85 2.73
C ILE A 158 10.37 15.09 3.21
N GLN A 159 9.05 15.00 3.35
CA GLN A 159 8.26 16.14 3.77
C GLN A 159 6.85 15.75 4.16
N THR A 160 6.24 16.49 5.09
CA THR A 160 4.86 16.25 5.47
C THR A 160 4.18 17.62 5.46
N ALA A 161 2.88 17.62 5.27
CA ALA A 161 2.07 18.85 5.25
C ALA A 161 0.72 18.50 5.83
N GLU A 162 0.12 19.41 6.59
CA GLU A 162 -1.18 19.11 7.17
C GLU A 162 -2.36 19.43 6.26
N LYS A 163 -2.25 20.42 5.39
CA LYS A 163 -3.38 20.72 4.51
C LYS A 163 -2.96 20.81 3.06
N ASN A 164 -1.66 20.95 2.82
CA ASN A 164 -1.17 21.04 1.47
C ASN A 164 -0.97 19.62 0.92
N PRO A 165 -1.64 19.31 -0.21
CA PRO A 165 -1.56 18.00 -0.87
C PRO A 165 -0.27 17.80 -1.63
N ILE A 166 0.83 17.68 -0.91
CA ILE A 166 2.12 17.50 -1.54
C ILE A 166 2.31 16.09 -2.09
N SER A 167 1.31 15.24 -1.94
CA SER A 167 1.38 13.85 -2.43
C SER A 167 -0.01 13.24 -2.32
N ASP A 168 -0.12 11.95 -2.64
CA ASP A 168 -1.41 11.29 -2.47
C ASP A 168 -1.33 10.21 -1.40
N LEU A 169 -0.35 10.32 -0.52
CA LEU A 169 -0.19 9.40 0.61
C LEU A 169 -0.72 10.18 1.80
N CYS A 170 -1.90 9.79 2.28
CA CYS A 170 -2.55 10.48 3.40
C CYS A 170 -2.42 9.75 4.72
N SER A 171 -2.17 10.50 5.79
CA SER A 171 -2.03 9.92 7.11
C SER A 171 -3.31 9.29 7.64
N THR A 172 -3.15 8.12 8.27
CA THR A 172 -4.28 7.43 8.87
C THR A 172 -4.47 7.99 10.27
N GLY A 173 -3.52 8.80 10.72
CA GLY A 173 -3.61 9.35 12.06
C GLY A 173 -2.71 8.60 13.02
N LEU A 174 -1.96 7.62 12.51
CA LEU A 174 -1.03 6.88 13.35
C LEU A 174 0.36 7.41 13.06
N TYR A 175 0.97 8.01 14.08
CA TYR A 175 2.30 8.60 13.96
C TYR A 175 3.24 7.94 14.96
N HIS A 176 4.25 7.26 14.45
CA HIS A 176 5.19 6.56 15.31
C HIS A 176 6.53 7.29 15.40
N PHE A 177 7.08 7.32 16.60
CA PHE A 177 8.40 7.91 16.87
C PHE A 177 9.19 6.88 17.66
N ASN A 178 10.39 6.55 17.19
CA ASN A 178 11.20 5.55 17.88
C ASN A 178 11.65 6.01 19.29
N ARG A 179 11.80 7.32 19.48
CA ARG A 179 12.22 7.86 20.77
C ARG A 179 11.35 9.02 21.22
N LYS A 180 10.85 8.93 22.46
CA LYS A 180 10.00 9.98 23.02
C LYS A 180 10.77 11.30 22.94
N GLU A 181 12.06 11.27 23.23
CA GLU A 181 12.86 12.49 23.20
C GLU A 181 12.89 13.19 21.85
N ASP A 182 12.83 12.42 20.76
CA ASP A 182 12.83 13.01 19.42
C ASP A 182 11.50 13.74 19.20
N TYR A 183 10.41 13.16 19.68
CA TYR A 183 9.12 13.80 19.56
C TYR A 183 9.14 15.13 20.30
N LEU A 184 9.60 15.11 21.55
CA LEU A 184 9.62 16.33 22.35
C LEU A 184 10.55 17.40 21.78
N GLU A 185 11.67 16.98 21.19
CA GLU A 185 12.58 17.95 20.59
C GLU A 185 11.96 18.57 19.34
N ALA A 186 11.28 17.75 18.53
CA ALA A 186 10.64 18.28 17.33
C ALA A 186 9.54 19.27 17.74
N TYR A 187 8.82 18.93 18.80
CA TYR A 187 7.76 19.80 19.31
C TYR A 187 8.33 21.14 19.74
N ARG A 188 9.41 21.08 20.48
CA ARG A 188 10.05 22.30 20.99
CA ARG A 188 10.07 22.25 20.98
C ARG A 188 10.48 23.16 19.83
N GLU A 189 11.10 22.60 18.83
CA GLU A 189 11.53 23.35 17.68
C GLU A 189 10.33 23.94 16.94
N TYR A 190 9.30 23.13 16.76
CA TYR A 190 8.11 23.57 16.07
C TYR A 190 7.42 24.78 16.72
N VAL A 191 7.26 24.77 18.04
CA VAL A 191 6.60 25.90 18.66
C VAL A 191 7.51 27.12 18.79
N ALA A 192 8.81 26.94 18.49
CA ALA A 192 9.76 28.05 18.56
C ALA A 192 10.06 28.67 17.19
N ARG A 193 9.40 28.19 16.15
CA ARG A 193 9.59 28.73 14.79
C ARG A 193 9.37 30.24 14.76
N PRO A 194 10.15 30.96 13.93
CA PRO A 194 9.98 32.42 13.82
C PRO A 194 8.54 32.64 13.38
N SER A 195 7.91 33.69 13.90
CA SER A 195 6.52 33.98 13.59
C SER A 195 6.10 33.98 12.12
N GLN A 196 6.98 34.40 11.22
CA GLN A 196 6.63 34.44 9.81
C GLN A 196 6.26 33.07 9.23
N GLU A 197 6.70 32.00 9.88
CA GLU A 197 6.41 30.65 9.40
C GLU A 197 5.04 30.11 9.84
N TRP A 198 4.38 30.82 10.75
CA TRP A 198 3.09 30.34 11.24
C TRP A 198 1.92 30.64 10.32
N GLU A 199 1.24 29.60 9.88
CA GLU A 199 0.09 29.73 8.99
C GLU A 199 -1.21 29.48 9.72
N ARG A 200 -1.10 29.01 10.96
CA ARG A 200 -2.27 28.72 11.78
C ARG A 200 -1.79 28.54 13.21
N GLY A 201 -2.73 28.58 14.15
CA GLY A 201 -2.35 28.43 15.54
C GLY A 201 -2.46 27.00 16.03
N GLU A 202 -3.19 26.16 15.32
CA GLU A 202 -3.34 24.76 15.74
C GLU A 202 -2.03 24.01 15.65
N LEU A 203 -1.81 23.09 16.57
CA LEU A 203 -0.59 22.31 16.61
C LEU A 203 -0.87 20.83 16.31
N TYR A 204 -0.59 20.44 15.07
CA TYR A 204 -0.82 19.07 14.61
C TYR A 204 0.46 18.24 14.66
N ILE A 205 0.30 16.92 14.68
CA ILE A 205 1.44 16.02 14.76
C ILE A 205 2.27 15.87 13.48
N ALA A 206 1.60 15.67 12.34
CA ALA A 206 2.30 15.46 11.07
C ALA A 206 3.43 16.46 10.78
N PRO A 207 3.18 17.76 10.97
CA PRO A 207 4.23 18.76 10.70
C PRO A 207 5.51 18.55 11.50
N LEU A 208 5.40 17.91 12.67
CA LEU A 208 6.56 17.68 13.50
C LEU A 208 7.64 16.87 12.81
N TYR A 209 7.25 15.99 11.90
CA TYR A 209 8.24 15.18 11.22
C TYR A 209 9.21 16.01 10.37
N ASN A 210 8.78 17.19 9.92
CA ASN A 210 9.67 18.03 9.13
C ASN A 210 10.88 18.45 9.96
N GLU A 211 10.68 18.65 11.26
CA GLU A 211 11.79 19.04 12.13
C GLU A 211 12.77 17.87 12.23
N LEU A 212 12.23 16.65 12.32
CA LEU A 212 13.07 15.47 12.42
C LEU A 212 13.80 15.17 11.11
N ILE A 213 13.10 15.33 9.99
CA ILE A 213 13.70 15.09 8.69
C ILE A 213 14.83 16.10 8.44
N GLN A 214 14.61 17.35 8.81
CA GLN A 214 15.64 18.37 8.63
C GLN A 214 16.90 18.03 9.42
N LYS A 215 16.71 17.44 10.61
CA LYS A 215 17.84 17.07 11.44
C LYS A 215 18.53 15.80 10.97
N GLY A 216 18.03 15.24 9.88
CA GLY A 216 18.64 14.04 9.33
C GLY A 216 18.16 12.71 9.86
N LEU A 217 17.07 12.70 10.62
CA LEU A 217 16.56 11.44 11.14
C LEU A 217 15.94 10.67 9.98
N ASN A 218 15.90 9.35 10.14
CA ASN A 218 15.39 8.44 9.13
C ASN A 218 13.89 8.20 9.28
N ILE A 219 13.09 9.01 8.58
CA ILE A 219 11.64 8.90 8.66
C ILE A 219 11.03 8.20 7.45
N HIS A 220 10.16 7.23 7.71
CA HIS A 220 9.53 6.47 6.63
C HIS A 220 8.02 6.49 6.69
N TYR A 221 7.39 5.89 5.69
CA TYR A 221 5.94 5.77 5.70
C TYR A 221 5.66 4.29 5.58
N HIS A 222 4.46 3.91 5.96
CA HIS A 222 4.04 2.53 5.83
C HIS A 222 2.65 2.59 5.22
N LEU A 223 2.54 2.07 4.01
CA LEU A 223 1.29 2.08 3.27
C LEU A 223 0.34 0.93 3.62
N ILE A 224 -0.89 1.27 3.97
CA ILE A 224 -1.88 0.22 4.25
C ILE A 224 -3.02 0.39 3.26
N ALA A 225 -3.85 -0.64 3.15
CA ALA A 225 -4.98 -0.62 2.22
C ALA A 225 -6.16 0.14 2.84
N ARG A 226 -6.98 0.75 2.00
CA ARG A 226 -8.13 1.51 2.47
C ARG A 226 -9.08 0.72 3.35
N HIS A 227 -9.22 -0.58 3.08
CA HIS A 227 -10.12 -1.41 3.86
C HIS A 227 -9.59 -1.74 5.24
N GLU A 228 -8.34 -1.37 5.51
CA GLU A 228 -7.74 -1.66 6.82
C GLU A 228 -7.92 -0.52 7.81
N VAL A 229 -8.52 0.58 7.36
CA VAL A 229 -8.76 1.72 8.23
C VAL A 229 -10.21 2.20 8.10
N ILE A 230 -10.82 2.50 9.24
CA ILE A 230 -12.19 2.99 9.27
C ILE A 230 -12.18 4.31 10.02
N PHE A 231 -12.69 5.35 9.38
CA PHE A 231 -12.73 6.67 10.02
C PHE A 231 -14.12 6.91 10.57
N CYS A 232 -14.16 7.43 11.80
CA CYS A 232 -15.42 7.69 12.48
C CYS A 232 -15.23 8.98 13.26
N GLY A 233 -14.78 10.03 12.57
CA GLY A 233 -14.51 11.30 13.22
C GLY A 233 -15.50 12.43 13.04
N VAL A 234 -16.47 12.27 12.15
CA VAL A 234 -17.50 13.27 11.94
C VAL A 234 -18.85 12.55 12.02
N PRO A 235 -19.93 13.26 12.37
CA PRO A 235 -21.25 12.65 12.48
C PRO A 235 -21.68 11.73 11.34
N ASP A 236 -21.49 12.17 10.09
CA ASP A 236 -21.87 11.35 8.95
C ASP A 236 -21.15 10.02 8.92
N GLU A 237 -19.87 10.01 9.31
CA GLU A 237 -19.10 8.76 9.34
C GLU A 237 -19.62 7.84 10.44
N TYR A 238 -20.04 8.42 11.56
CA TYR A 238 -20.58 7.64 12.66
C TYR A 238 -21.89 6.99 12.20
N THR A 239 -22.69 7.75 11.46
CA THR A 239 -23.95 7.23 10.93
C THR A 239 -23.65 6.09 9.97
N ASP A 240 -22.67 6.29 9.10
CA ASP A 240 -22.29 5.24 8.14
C ASP A 240 -21.81 3.99 8.85
N PHE A 241 -21.04 4.18 9.93
CA PHE A 241 -20.52 3.04 10.68
C PHE A 241 -21.67 2.30 11.34
N LEU A 242 -22.70 3.03 11.73
CA LEU A 242 -23.88 2.45 12.37
C LEU A 242 -24.64 1.54 11.40
N ARG A 243 -24.58 1.84 10.10
CA ARG A 243 -25.27 1.02 9.10
C ARG A 243 -24.47 -0.21 8.69
N GLN A 244 -23.14 -0.13 8.80
CA GLN A 244 -22.28 -1.24 8.44
C GLN A 244 -22.55 -2.50 9.25
N MSE B 1 12.39 -16.52 -12.54
CA MSE B 1 12.55 -16.00 -13.93
C MSE B 1 11.47 -14.98 -14.23
O MSE B 1 10.32 -15.16 -13.86
CB MSE B 1 12.44 -17.14 -14.94
CG MSE B 1 12.73 -16.72 -16.38
SE MSE B 1 12.65 -18.27 -17.51
CE MSE B 1 14.53 -18.60 -17.79
N ILE B 2 11.85 -13.90 -14.90
CA ILE B 2 10.91 -12.86 -15.23
C ILE B 2 10.42 -13.15 -16.64
N VAL B 3 9.11 -13.31 -16.75
CA VAL B 3 8.47 -13.64 -18.01
C VAL B 3 7.64 -12.48 -18.53
N ILE B 4 7.93 -12.06 -19.75
CA ILE B 4 7.22 -10.95 -20.36
C ILE B 4 6.43 -11.39 -21.58
N PRO B 5 5.11 -11.62 -21.42
CA PRO B 5 4.32 -12.04 -22.57
C PRO B 5 4.04 -10.75 -23.36
N MSE B 6 4.49 -10.73 -24.60
CA MSE B 6 4.30 -9.55 -25.42
C MSE B 6 3.97 -9.98 -26.84
O MSE B 6 4.49 -9.44 -27.80
CB MSE B 6 5.56 -8.67 -25.39
CG MSE B 6 6.88 -9.44 -25.49
SE MSE B 6 8.46 -8.29 -25.33
CE MSE B 6 8.17 -7.17 -26.88
N ALA B 7 3.03 -10.93 -26.96
CA ALA B 7 2.70 -11.54 -28.24
C ALA B 7 1.36 -11.01 -28.76
N GLY B 8 0.77 -10.07 -28.03
CA GLY B 8 -0.51 -9.51 -28.45
C GLY B 8 -0.38 -8.66 -29.70
N MSE B 9 -1.31 -7.72 -29.85
N MSE B 9 -1.32 -7.75 -29.88
CA MSE B 9 -1.36 -6.84 -31.01
CA MSE B 9 -1.22 -6.79 -30.96
C MSE B 9 -1.71 -5.42 -30.55
C MSE B 9 -1.68 -5.42 -30.53
O MSE B 9 -2.57 -5.25 -29.67
O MSE B 9 -2.56 -5.28 -29.68
CB MSE B 9 -2.41 -7.35 -32.01
CB MSE B 9 -1.96 -7.26 -32.21
CG MSE B 9 -2.42 -6.63 -33.35
CG MSE B 9 -1.02 -7.49 -33.37
SE MSE B 9 -3.73 -7.38 -34.59
SE MSE B 9 0.38 -6.10 -33.53
CE MSE B 9 -2.55 -8.44 -35.74
CE MSE B 9 1.95 -7.05 -32.88
N SER B 10 -1.08 -4.40 -31.13
CA SER B 10 -1.29 -3.02 -30.71
C SER B 10 -2.43 -2.34 -31.47
N SER B 11 -3.60 -2.99 -31.51
CA SER B 11 -4.72 -2.51 -32.33
CA SER B 11 -4.70 -2.50 -32.34
C SER B 11 -5.14 -1.08 -31.99
N ARG B 12 -5.21 -0.74 -30.67
CA ARG B 12 -5.60 0.61 -30.26
C ARG B 12 -4.60 1.63 -30.77
N PHE B 13 -3.31 1.28 -30.74
CA PHE B 13 -2.28 2.18 -31.23
C PHE B 13 -2.33 2.28 -32.74
N PHE B 14 -2.68 1.18 -33.42
CA PHE B 14 -2.78 1.21 -34.87
C PHE B 14 -3.87 2.21 -35.25
N LYS B 15 -5.02 2.12 -34.60
CA LYS B 15 -6.12 3.03 -34.89
C LYS B 15 -5.75 4.47 -34.57
N ALA B 16 -4.91 4.66 -33.55
CA ALA B 16 -4.48 6.00 -33.16
C ALA B 16 -3.50 6.61 -34.15
N GLY B 17 -3.01 5.80 -35.09
CA GLY B 17 -2.11 6.33 -36.09
C GLY B 17 -0.68 5.82 -36.08
N TYR B 18 -0.36 4.92 -35.17
CA TYR B 18 1.00 4.38 -35.11
C TYR B 18 1.12 3.18 -36.03
N THR B 19 2.27 3.06 -36.69
CA THR B 19 2.49 1.94 -37.61
C THR B 19 3.43 0.89 -37.02
N GLN B 20 4.05 1.22 -35.89
CA GLN B 20 4.95 0.29 -35.20
C GLN B 20 4.24 -0.27 -33.98
N PRO B 21 4.57 -1.51 -33.58
CA PRO B 21 3.93 -2.08 -32.40
C PRO B 21 4.29 -1.19 -31.22
N LYS B 22 3.37 -1.06 -30.26
CA LYS B 22 3.57 -0.18 -29.12
C LYS B 22 4.89 -0.29 -28.37
N TYR B 23 5.41 -1.50 -28.17
CA TYR B 23 6.65 -1.62 -27.43
C TYR B 23 7.86 -1.01 -28.13
N MSE B 24 7.74 -0.70 -29.42
CA MSE B 24 8.84 -0.08 -30.15
C MSE B 24 8.72 1.45 -30.20
O MSE B 24 9.62 2.12 -30.69
CB MSE B 24 8.91 -0.61 -31.59
CG MSE B 24 9.33 -2.06 -31.68
SE MSE B 24 9.52 -2.63 -33.53
CE MSE B 24 9.91 -4.50 -33.24
N LEU B 25 7.62 2.00 -29.69
CA LEU B 25 7.44 3.45 -29.66
C LEU B 25 8.44 4.05 -28.67
N GLU B 26 8.88 5.27 -28.94
CA GLU B 26 9.86 5.92 -28.09
C GLU B 26 9.31 7.06 -27.23
N ALA B 27 9.95 7.26 -26.09
CA ALA B 27 9.56 8.31 -25.16
C ALA B 27 10.76 8.61 -24.28
N HIS B 28 11.12 9.88 -24.20
CA HIS B 28 12.23 10.31 -23.37
C HIS B 28 13.55 9.57 -23.60
N GLY B 29 13.85 9.29 -24.87
CA GLY B 29 15.10 8.64 -25.21
C GLY B 29 15.15 7.14 -25.41
N GLN B 30 14.08 6.43 -25.02
CA GLN B 30 14.09 4.99 -25.17
C GLN B 30 12.72 4.40 -25.50
N THR B 31 12.71 3.17 -25.97
CA THR B 31 11.48 2.48 -26.34
C THR B 31 10.66 2.13 -25.11
N LEU B 32 9.35 1.96 -25.30
CA LEU B 32 8.50 1.60 -24.19
C LEU B 32 8.98 0.24 -23.66
N PHE B 33 9.50 -0.60 -24.55
CA PHE B 33 10.03 -1.90 -24.16
C PHE B 33 11.08 -1.70 -23.08
N GLU B 34 12.01 -0.78 -23.34
CA GLU B 34 13.08 -0.49 -22.39
C GLU B 34 12.57 0.10 -21.08
N HIS B 35 11.60 1.00 -21.17
CA HIS B 35 11.02 1.60 -19.98
C HIS B 35 10.42 0.52 -19.08
N SER B 36 9.75 -0.44 -19.71
CA SER B 36 9.12 -1.51 -18.94
C SER B 36 10.13 -2.50 -18.37
N VAL B 37 11.03 -2.99 -19.22
CA VAL B 37 12.01 -3.97 -18.77
C VAL B 37 12.99 -3.37 -17.77
N ASN B 38 13.29 -2.08 -17.89
CA ASN B 38 14.20 -1.43 -16.95
C ASN B 38 13.66 -1.44 -15.52
N SER B 39 12.37 -1.76 -15.38
CA SER B 39 11.76 -1.87 -14.06
C SER B 39 12.59 -2.86 -13.24
N PHE B 40 13.06 -3.90 -13.91
CA PHE B 40 13.83 -4.98 -13.28
C PHE B 40 15.35 -4.85 -13.36
N ALA B 41 15.85 -3.64 -13.55
CA ALA B 41 17.29 -3.40 -13.67
C ALA B 41 18.11 -4.07 -12.57
N ALA B 42 17.56 -4.16 -11.37
CA ALA B 42 18.26 -4.77 -10.24
C ALA B 42 18.47 -6.27 -10.42
N TYR B 43 17.78 -6.85 -11.40
CA TYR B 43 17.85 -8.29 -11.66
C TYR B 43 18.51 -8.70 -12.98
N PHE B 44 18.99 -7.72 -13.73
CA PHE B 44 19.63 -7.99 -15.01
C PHE B 44 20.85 -8.90 -14.88
N ALA B 45 21.64 -8.70 -13.84
CA ALA B 45 22.86 -9.49 -13.68
C ALA B 45 22.65 -10.92 -13.22
N SER B 46 21.54 -11.20 -12.58
CA SER B 46 21.32 -12.46 -11.89
CA SER B 46 21.34 -12.50 -12.01
C SER B 46 20.12 -13.33 -12.25
N THR B 47 19.07 -12.70 -12.73
CA THR B 47 17.83 -13.41 -12.98
C THR B 47 17.54 -13.65 -14.44
N PRO B 48 17.12 -14.88 -14.80
CA PRO B 48 16.86 -15.08 -16.21
C PRO B 48 15.55 -14.39 -16.64
N PHE B 49 15.51 -13.98 -17.90
CA PHE B 49 14.32 -13.34 -18.47
C PHE B 49 13.83 -14.17 -19.65
N LEU B 50 12.52 -14.26 -19.81
CA LEU B 50 11.96 -14.96 -20.96
C LEU B 50 11.03 -13.98 -21.64
N PHE B 51 11.33 -13.64 -22.90
CA PHE B 51 10.48 -12.73 -23.65
C PHE B 51 9.70 -13.56 -24.64
N ILE B 52 8.37 -13.42 -24.62
CA ILE B 52 7.54 -14.20 -25.52
C ILE B 52 6.94 -13.23 -26.52
N VAL B 53 7.41 -13.36 -27.75
CA VAL B 53 7.03 -12.45 -28.81
C VAL B 53 6.34 -13.17 -29.95
N ARG B 54 5.83 -12.38 -30.89
CA ARG B 54 5.19 -12.96 -32.05
C ARG B 54 6.08 -12.69 -33.23
N ASN B 55 5.90 -13.48 -34.28
CA ASN B 55 6.71 -13.39 -35.48
C ASN B 55 6.32 -12.25 -36.41
N VAL B 56 6.28 -11.05 -35.86
CA VAL B 56 5.93 -9.86 -36.65
C VAL B 56 6.89 -8.71 -36.30
N TYR B 57 7.02 -7.78 -37.24
CA TYR B 57 7.85 -6.59 -37.09
C TYR B 57 9.29 -6.84 -36.68
N ASP B 58 9.85 -7.99 -36.98
CA ASP B 58 11.17 -8.41 -36.63
CA ASP B 58 11.21 -8.31 -36.61
C ASP B 58 11.38 -8.17 -35.11
N THR B 59 10.36 -8.50 -34.36
CA THR B 59 10.43 -8.31 -32.92
C THR B 59 11.49 -9.14 -32.20
N ALA B 60 11.68 -10.39 -32.58
CA ALA B 60 12.69 -11.21 -31.91
C ALA B 60 14.06 -10.53 -31.98
N VAL B 61 14.41 -10.00 -33.15
CA VAL B 61 15.68 -9.32 -33.32
C VAL B 61 15.74 -8.07 -32.46
N PHE B 62 14.65 -7.30 -32.44
CA PHE B 62 14.57 -6.09 -31.63
C PHE B 62 14.79 -6.40 -30.15
N VAL B 63 14.10 -7.43 -29.65
CA VAL B 63 14.22 -7.82 -28.25
C VAL B 63 15.61 -8.32 -27.91
N ARG B 64 16.17 -9.15 -28.78
CA ARG B 64 17.51 -9.68 -28.54
C ARG B 64 18.49 -8.50 -28.46
N GLU B 65 18.39 -7.55 -29.38
CA GLU B 65 19.28 -6.40 -29.38
C GLU B 65 19.14 -5.53 -28.14
N LYS B 66 17.91 -5.17 -27.78
CA LYS B 66 17.66 -4.32 -26.62
C LYS B 66 18.06 -4.99 -25.31
N ALA B 67 17.73 -6.27 -25.15
CA ALA B 67 18.06 -6.98 -23.92
C ALA B 67 19.57 -7.05 -23.72
N THR B 68 20.30 -7.29 -24.80
CA THR B 68 21.76 -7.38 -24.70
C THR B 68 22.32 -6.04 -24.27
N GLN B 69 21.83 -4.99 -24.92
CA GLN B 69 22.26 -3.63 -24.65
C GLN B 69 21.92 -3.19 -23.22
N LEU B 70 20.80 -3.69 -22.69
CA LEU B 70 20.39 -3.34 -21.34
C LEU B 70 21.26 -4.00 -20.29
N GLY B 71 21.96 -5.04 -20.71
CA GLY B 71 22.84 -5.75 -19.79
C GLY B 71 22.19 -6.95 -19.13
N ILE B 72 21.16 -7.52 -19.75
CA ILE B 72 20.53 -8.70 -19.18
C ILE B 72 21.46 -9.86 -19.51
N LYS B 73 21.97 -10.52 -18.48
CA LYS B 73 22.95 -11.58 -18.67
C LYS B 73 22.48 -13.00 -18.94
N GLN B 74 21.20 -13.27 -18.77
CA GLN B 74 20.64 -14.57 -19.09
C GLN B 74 19.22 -14.36 -19.57
N PHE B 75 18.98 -14.54 -20.85
CA PHE B 75 17.63 -14.38 -21.37
C PHE B 75 17.35 -15.26 -22.57
N TYR B 76 16.07 -15.55 -22.76
CA TYR B 76 15.62 -16.42 -23.83
C TYR B 76 14.45 -15.74 -24.53
N ILE B 77 14.27 -16.08 -25.80
CA ILE B 77 13.18 -15.50 -26.57
C ILE B 77 12.38 -16.63 -27.18
N ALA B 78 11.07 -16.62 -26.91
CA ALA B 78 10.16 -17.62 -27.45
C ALA B 78 9.35 -16.90 -28.50
N GLU B 79 9.45 -17.35 -29.75
CA GLU B 79 8.69 -16.70 -30.82
C GLU B 79 7.47 -17.53 -31.17
N LEU B 80 6.29 -16.94 -31.02
CA LEU B 80 5.04 -17.62 -31.32
C LEU B 80 4.60 -17.25 -32.74
N HIS B 81 3.97 -18.19 -33.44
CA HIS B 81 3.56 -17.92 -34.81
C HIS B 81 2.07 -17.66 -35.03
N THR B 82 1.30 -17.66 -33.95
CA THR B 82 -0.12 -17.36 -34.01
C THR B 82 -0.50 -16.49 -32.83
N GLU B 83 -1.62 -15.80 -32.95
CA GLU B 83 -2.10 -14.95 -31.87
C GLU B 83 -2.60 -15.93 -30.81
N THR B 84 -2.60 -15.53 -29.55
CA THR B 84 -3.09 -16.41 -28.49
C THR B 84 -4.38 -15.87 -27.94
N ARG B 85 -5.00 -16.62 -27.04
CA ARG B 85 -6.26 -16.22 -26.43
C ARG B 85 -6.06 -15.28 -25.24
N GLY B 86 -4.80 -14.95 -24.94
CA GLY B 86 -4.54 -14.07 -23.82
C GLY B 86 -3.19 -14.33 -23.17
N GLN B 87 -2.79 -13.44 -22.27
CA GLN B 87 -1.50 -13.57 -21.61
C GLN B 87 -1.24 -14.92 -20.95
N ALA B 88 -2.25 -15.55 -20.37
CA ALA B 88 -2.03 -16.83 -19.72
C ALA B 88 -1.62 -17.88 -20.75
N GLU B 89 -2.24 -17.86 -21.93
CA GLU B 89 -1.86 -18.83 -22.95
C GLU B 89 -0.48 -18.45 -23.49
N THR B 90 -0.21 -17.16 -23.65
CA THR B 90 1.09 -16.71 -24.15
C THR B 90 2.20 -17.25 -23.25
N VAL B 91 2.03 -17.11 -21.94
CA VAL B 91 3.04 -17.60 -20.99
C VAL B 91 3.22 -19.11 -21.10
N THR B 92 2.11 -19.85 -21.12
CA THR B 92 2.19 -21.30 -21.22
C THR B 92 2.91 -21.74 -22.50
N LEU B 93 2.54 -21.14 -23.64
CA LEU B 93 3.20 -21.50 -24.90
C LEU B 93 4.66 -21.07 -24.90
N GLY B 94 4.96 -19.97 -24.22
CA GLY B 94 6.32 -19.48 -24.13
C GLY B 94 7.19 -20.44 -23.34
N LEU B 95 6.64 -20.95 -22.24
CA LEU B 95 7.37 -21.89 -21.40
C LEU B 95 7.59 -23.22 -22.13
N GLU B 96 6.63 -23.60 -22.97
CA GLU B 96 6.78 -24.83 -23.72
C GLU B 96 7.87 -24.67 -24.76
N GLU B 97 7.92 -23.50 -25.40
CA GLU B 97 8.93 -23.20 -26.40
C GLU B 97 10.31 -23.16 -25.73
N LEU B 98 10.36 -22.64 -24.51
CA LEU B 98 11.62 -22.59 -23.77
C LEU B 98 12.15 -24.00 -23.60
N ALA B 99 11.28 -24.92 -23.19
CA ALA B 99 11.67 -26.31 -23.01
C ALA B 99 12.13 -26.91 -24.34
N LYS B 100 11.44 -26.58 -25.42
CA LYS B 100 11.81 -27.10 -26.74
C LYS B 100 13.19 -26.62 -27.16
N GLN B 101 13.63 -25.48 -26.62
CA GLN B 101 14.95 -24.96 -26.95
C GLN B 101 16.02 -25.67 -26.13
N GLY B 102 15.59 -26.61 -25.30
CA GLY B 102 16.54 -27.36 -24.47
C GLY B 102 16.83 -26.79 -23.10
N VAL B 103 16.08 -25.78 -22.70
CA VAL B 103 16.27 -25.18 -21.38
C VAL B 103 15.29 -25.82 -20.40
N ASP B 104 15.82 -26.46 -19.36
CA ASP B 104 14.98 -27.10 -18.36
C ASP B 104 14.91 -26.20 -17.14
N TYR B 105 13.98 -25.26 -17.15
CA TYR B 105 13.85 -24.33 -16.03
C TYR B 105 12.85 -24.79 -15.00
N GLN B 106 13.26 -24.72 -13.73
CA GLN B 106 12.41 -25.07 -12.62
C GLN B 106 12.62 -23.90 -11.68
N GLY B 107 11.56 -23.45 -11.03
CA GLY B 107 11.72 -22.33 -10.14
C GLY B 107 10.58 -21.37 -10.31
N SER B 108 10.70 -20.22 -9.67
CA SER B 108 9.64 -19.22 -9.72
C SER B 108 9.50 -18.51 -11.06
N ILE B 109 8.32 -17.97 -11.30
CA ILE B 109 8.17 -17.16 -12.48
C ILE B 109 7.36 -15.95 -12.08
N THR B 110 7.81 -14.82 -12.61
CA THR B 110 7.20 -13.54 -12.33
C THR B 110 6.72 -13.01 -13.66
N VAL B 111 5.42 -12.97 -13.86
CA VAL B 111 4.87 -12.48 -15.11
C VAL B 111 4.61 -10.99 -15.04
N PHE B 112 5.02 -10.26 -16.06
CA PHE B 112 4.81 -8.82 -16.09
C PHE B 112 4.34 -8.50 -17.50
N ASN B 113 4.09 -7.24 -17.79
CA ASN B 113 3.67 -6.91 -19.15
C ASN B 113 4.37 -5.65 -19.59
N ILE B 114 4.55 -5.54 -20.89
CA ILE B 114 5.27 -4.43 -21.48
C ILE B 114 4.53 -3.08 -21.47
N ASP B 115 3.28 -3.08 -21.01
CA ASP B 115 2.45 -1.88 -20.95
C ASP B 115 2.55 -1.16 -19.61
N THR B 116 3.38 -1.69 -18.71
CA THR B 116 3.50 -1.15 -17.37
C THR B 116 4.94 -0.89 -16.96
N PHE B 117 5.17 0.20 -16.22
CA PHE B 117 6.51 0.50 -15.74
C PHE B 117 6.47 0.47 -14.21
N ARG B 118 7.45 -0.18 -13.60
CA ARG B 118 7.55 -0.28 -12.14
C ARG B 118 8.99 0.09 -11.81
N PRO B 119 9.31 1.38 -11.81
CA PRO B 119 10.67 1.84 -11.52
C PRO B 119 11.25 1.31 -10.22
N ASN B 120 12.51 0.89 -10.27
CA ASN B 120 13.20 0.40 -9.08
C ASN B 120 12.53 -0.79 -8.41
N PHE B 121 11.98 -1.71 -9.19
CA PHE B 121 11.34 -2.87 -8.60
C PHE B 121 12.31 -3.73 -7.80
N VAL B 122 11.84 -4.20 -6.64
CA VAL B 122 12.60 -5.11 -5.79
C VAL B 122 11.54 -6.06 -5.24
N PHE B 123 11.80 -7.36 -5.29
CA PHE B 123 10.82 -8.32 -4.79
C PHE B 123 10.51 -8.07 -3.32
N PRO B 124 9.23 -8.15 -2.94
CA PRO B 124 8.85 -7.93 -1.55
C PRO B 124 9.15 -9.19 -0.72
N ASP B 125 9.27 -9.03 0.59
CA ASP B 125 9.57 -10.15 1.47
C ASP B 125 8.57 -11.30 1.33
N ILE B 126 7.30 -10.97 1.11
CA ILE B 126 6.27 -12.01 1.01
C ILE B 126 6.54 -13.02 -0.10
N SER B 127 7.36 -12.66 -1.09
CA SER B 127 7.66 -13.58 -2.18
C SER B 127 8.47 -14.78 -1.69
N GLN B 128 9.11 -14.64 -0.53
CA GLN B 128 9.90 -15.73 0.04
C GLN B 128 9.12 -16.51 1.09
N HIS B 129 7.87 -16.13 1.31
CA HIS B 129 7.04 -16.81 2.31
C HIS B 129 5.63 -17.06 1.81
N SER B 130 5.51 -17.41 0.53
CA SER B 130 4.21 -17.68 -0.06
C SER B 130 4.37 -18.53 -1.31
N ASP B 131 3.27 -19.09 -1.79
CA ASP B 131 3.33 -19.90 -3.01
C ASP B 131 3.19 -18.99 -4.23
N GLY B 132 2.86 -17.74 -3.99
CA GLY B 132 2.71 -16.79 -5.08
C GLY B 132 2.05 -15.53 -4.56
N TYR B 133 2.19 -14.43 -5.30
CA TYR B 133 1.56 -13.19 -4.86
C TYR B 133 1.23 -12.30 -6.04
N LEU B 134 0.23 -11.44 -5.83
CA LEU B 134 -0.18 -10.49 -6.85
C LEU B 134 0.16 -9.11 -6.34
N GLU B 135 0.85 -8.33 -7.15
CA GLU B 135 1.17 -6.97 -6.75
C GLU B 135 -0.10 -6.17 -7.02
N VAL B 136 -0.51 -5.36 -6.06
CA VAL B 136 -1.72 -4.59 -6.23
C VAL B 136 -1.58 -3.12 -5.83
N PHE B 137 -2.54 -2.32 -6.32
CA PHE B 137 -2.60 -0.92 -5.91
C PHE B 137 -4.05 -0.54 -5.69
N GLN B 138 -4.26 0.59 -5.02
CA GLN B 138 -5.62 1.08 -4.67
C GLN B 138 -6.07 1.76 -5.93
N GLY B 139 -6.85 1.01 -6.70
CA GLY B 139 -7.21 1.55 -7.99
C GLY B 139 -8.56 2.07 -8.20
N GLY B 140 -8.71 2.86 -9.25
CA GLY B 140 -9.99 3.42 -9.53
C GLY B 140 -10.74 2.81 -10.68
N GLY B 141 -12.04 2.68 -10.49
CA GLY B 141 -12.83 2.15 -11.57
C GLY B 141 -13.00 0.69 -11.48
N ASP B 142 -13.54 0.11 -12.54
CA ASP B 142 -13.76 -1.31 -12.54
C ASP B 142 -12.97 -2.04 -13.56
N ASN B 143 -12.21 -1.34 -14.38
CA ASN B 143 -11.50 -2.06 -15.41
C ASN B 143 -10.15 -2.63 -15.05
N TRP B 144 -10.12 -3.55 -14.11
CA TRP B 144 -8.88 -4.12 -13.65
C TRP B 144 -9.11 -5.57 -13.27
N SER B 145 -8.07 -6.21 -12.76
CA SER B 145 -8.20 -7.56 -12.24
C SER B 145 -8.12 -7.21 -10.77
N PHE B 146 -8.94 -7.87 -9.98
CA PHE B 146 -9.00 -7.61 -8.55
C PHE B 146 -8.57 -8.78 -7.72
N ALA B 147 -8.04 -8.48 -6.54
CA ALA B 147 -7.62 -9.50 -5.60
C ALA B 147 -8.39 -9.19 -4.32
N LYS B 148 -9.08 -10.20 -3.79
CA LYS B 148 -9.86 -10.00 -2.58
C LYS B 148 -9.10 -10.48 -1.36
N PRO B 149 -8.96 -9.60 -0.36
CA PRO B 149 -8.25 -9.96 0.88
C PRO B 149 -9.10 -10.79 1.83
N GLU B 150 -8.45 -11.52 2.72
CA GLU B 150 -9.16 -12.35 3.70
C GLU B 150 -9.71 -11.48 4.82
N HIS B 151 -8.84 -10.66 5.42
CA HIS B 151 -9.24 -9.72 6.47
C HIS B 151 -8.13 -8.71 6.72
N ALA B 152 -8.44 -7.62 7.41
CA ALA B 152 -7.45 -6.58 7.69
C ALA B 152 -6.25 -7.14 8.45
N GLY B 153 -5.06 -6.67 8.08
CA GLY B 153 -3.85 -7.13 8.76
C GLY B 153 -3.22 -8.36 8.15
N SER B 154 -3.92 -8.99 7.22
CA SER B 154 -3.40 -10.19 6.55
C SER B 154 -3.27 -9.88 5.07
N THR B 155 -2.23 -10.39 4.43
CA THR B 155 -2.06 -10.12 3.01
C THR B 155 -2.51 -11.33 2.19
N LYS B 156 -3.22 -12.24 2.85
CA LYS B 156 -3.72 -13.44 2.18
C LYS B 156 -4.80 -13.07 1.16
N VAL B 157 -4.82 -13.76 0.03
CA VAL B 157 -5.82 -13.51 -1.02
C VAL B 157 -6.75 -14.72 -1.07
N ILE B 158 -8.05 -14.49 -1.08
CA ILE B 158 -9.00 -15.60 -1.09
C ILE B 158 -9.70 -15.76 -2.44
N GLN B 159 -9.60 -14.76 -3.29
CA GLN B 159 -10.24 -14.81 -4.59
C GLN B 159 -9.71 -13.72 -5.52
N THR B 160 -9.71 -14.01 -6.81
CA THR B 160 -9.31 -13.03 -7.79
C THR B 160 -10.40 -13.02 -8.86
N ALA B 161 -10.52 -11.92 -9.58
CA ALA B 161 -11.51 -11.77 -10.64
C ALA B 161 -10.93 -10.79 -11.66
N GLU B 162 -11.20 -11.00 -12.94
CA GLU B 162 -10.65 -10.11 -13.96
C GLU B 162 -11.50 -8.90 -14.32
N LYS B 163 -12.82 -9.01 -14.19
CA LYS B 163 -13.68 -7.88 -14.55
C LYS B 163 -14.70 -7.54 -13.48
N ASN B 164 -14.71 -8.28 -12.42
CA ASN B 164 -15.66 -8.10 -11.38
C ASN B 164 -14.98 -7.49 -10.16
N PRO B 165 -15.47 -6.36 -9.69
CA PRO B 165 -14.82 -5.65 -8.59
C PRO B 165 -15.13 -6.21 -7.22
N ILE B 166 -14.57 -7.36 -6.93
CA ILE B 166 -14.73 -8.01 -5.66
C ILE B 166 -13.97 -7.31 -4.53
N SER B 167 -13.23 -6.28 -4.84
CA SER B 167 -12.46 -5.53 -3.85
C SER B 167 -11.95 -4.27 -4.54
N ASP B 168 -11.14 -3.48 -3.85
CA ASP B 168 -10.55 -2.34 -4.54
C ASP B 168 -9.04 -2.44 -4.57
N LEU B 169 -8.55 -3.68 -4.56
CA LEU B 169 -7.12 -3.95 -4.67
C LEU B 169 -7.00 -4.42 -6.13
N CYS B 170 -6.45 -3.56 -6.97
CA CYS B 170 -6.30 -3.86 -8.39
C CYS B 170 -4.91 -4.31 -8.78
N SER B 171 -4.83 -5.29 -9.67
CA SER B 171 -3.56 -5.79 -10.13
C SER B 171 -2.76 -4.77 -10.96
N THR B 172 -1.46 -4.71 -10.70
CA THR B 172 -0.58 -3.82 -11.44
C THR B 172 -0.13 -4.55 -12.70
N GLY B 173 -0.46 -5.84 -12.78
CA GLY B 173 -0.04 -6.62 -13.94
C GLY B 173 1.17 -7.48 -13.61
N LEU B 174 1.65 -7.41 -12.37
CA LEU B 174 2.79 -8.25 -11.96
C LEU B 174 2.21 -9.44 -11.21
N TYR B 175 2.43 -10.64 -11.72
CA TYR B 175 1.92 -11.87 -11.13
C TYR B 175 3.05 -12.82 -10.82
N HIS B 176 3.27 -13.10 -9.54
CA HIS B 176 4.35 -13.99 -9.15
C HIS B 176 3.87 -15.36 -8.70
N PHE B 177 4.59 -16.39 -9.16
CA PHE B 177 4.32 -17.79 -8.80
C PHE B 177 5.64 -18.37 -8.27
N ASN B 178 5.62 -18.96 -7.08
CA ASN B 178 6.83 -19.52 -6.50
C ASN B 178 7.34 -20.71 -7.33
N ARG B 179 6.44 -21.43 -7.98
CA ARG B 179 6.85 -22.56 -8.81
C ARG B 179 6.21 -22.57 -10.18
N LYS B 180 7.02 -22.73 -11.21
CA LYS B 180 6.52 -22.78 -12.58
C LYS B 180 5.51 -23.92 -12.70
N GLU B 181 5.79 -25.04 -12.05
CA GLU B 181 4.86 -26.18 -12.12
C GLU B 181 3.48 -25.86 -11.57
N ASP B 182 3.41 -24.98 -10.57
CA ASP B 182 2.10 -24.59 -10.02
C ASP B 182 1.38 -23.73 -11.04
N TYR B 183 2.11 -22.85 -11.73
CA TYR B 183 1.50 -22.03 -12.74
C TYR B 183 0.90 -22.93 -13.82
N LEU B 184 1.69 -23.89 -14.28
CA LEU B 184 1.23 -24.78 -15.34
C LEU B 184 0.04 -25.65 -14.91
N GLU B 185 0.02 -26.10 -13.66
CA GLU B 185 -1.10 -26.92 -13.21
C GLU B 185 -2.37 -26.07 -13.12
N ALA B 186 -2.23 -24.81 -12.67
CA ALA B 186 -3.38 -23.92 -12.57
C ALA B 186 -3.94 -23.67 -13.97
N TYR B 187 -3.05 -23.45 -14.93
CA TYR B 187 -3.44 -23.22 -16.31
C TYR B 187 -4.17 -24.43 -16.87
N ARG B 188 -3.61 -25.62 -16.64
CA ARG B 188 -4.26 -26.82 -17.14
C ARG B 188 -5.64 -26.98 -16.54
N GLU B 189 -5.78 -26.73 -15.25
CA GLU B 189 -7.09 -26.86 -14.63
C GLU B 189 -8.05 -25.81 -15.20
N TYR B 190 -7.55 -24.59 -15.38
CA TYR B 190 -8.38 -23.51 -15.90
C TYR B 190 -8.93 -23.77 -17.29
N VAL B 191 -8.09 -24.25 -18.20
CA VAL B 191 -8.61 -24.48 -19.54
C VAL B 191 -9.48 -25.74 -19.63
N ALA B 192 -9.46 -26.55 -18.58
CA ALA B 192 -10.26 -27.77 -18.56
C ALA B 192 -11.59 -27.62 -17.81
N ARG B 193 -11.90 -26.40 -17.37
CA ARG B 193 -13.15 -26.15 -16.64
C ARG B 193 -14.36 -26.56 -17.45
N PRO B 194 -15.42 -27.07 -16.79
CA PRO B 194 -16.64 -27.47 -17.47
C PRO B 194 -17.15 -26.23 -18.20
N SER B 195 -17.70 -26.42 -19.39
CA SER B 195 -18.17 -25.30 -20.19
C SER B 195 -19.06 -24.27 -19.50
N GLN B 196 -19.93 -24.71 -18.60
CA GLN B 196 -20.83 -23.77 -17.93
C GLN B 196 -20.10 -22.66 -17.16
N GLU B 197 -18.85 -22.89 -16.80
CA GLU B 197 -18.09 -21.90 -16.05
C GLU B 197 -17.46 -20.81 -16.91
N TRP B 198 -17.48 -20.99 -18.22
CA TRP B 198 -16.86 -20.02 -19.12
C TRP B 198 -17.73 -18.79 -19.41
N GLU B 199 -17.20 -17.62 -19.07
CA GLU B 199 -17.89 -16.36 -19.29
C GLU B 199 -17.28 -15.60 -20.45
N ARG B 200 -16.12 -16.07 -20.90
CA ARG B 200 -15.41 -15.43 -22.00
C ARG B 200 -14.36 -16.40 -22.51
N GLY B 201 -13.85 -16.14 -23.71
CA GLY B 201 -12.85 -17.01 -24.28
C GLY B 201 -11.42 -16.60 -23.96
N GLU B 202 -11.22 -15.34 -23.60
CA GLU B 202 -9.88 -14.86 -23.28
C GLU B 202 -9.30 -15.54 -22.05
N LEU B 203 -8.00 -15.80 -22.08
CA LEU B 203 -7.32 -16.46 -20.97
C LEU B 203 -6.36 -15.50 -20.28
N TYR B 204 -6.80 -14.99 -19.13
CA TYR B 204 -6.04 -14.04 -18.35
C TYR B 204 -5.30 -14.72 -17.21
N ILE B 205 -4.26 -14.06 -16.70
CA ILE B 205 -3.46 -14.62 -15.62
C ILE B 205 -4.13 -14.60 -14.24
N ALA B 206 -4.69 -13.46 -13.85
CA ALA B 206 -5.28 -13.34 -12.52
C ALA B 206 -6.23 -14.45 -12.09
N PRO B 207 -7.14 -14.90 -12.99
CA PRO B 207 -8.05 -15.98 -12.58
C PRO B 207 -7.35 -17.28 -12.22
N LEU B 208 -6.13 -17.48 -12.73
CA LEU B 208 -5.39 -18.71 -12.43
C LEU B 208 -5.16 -18.90 -10.95
N TYR B 209 -5.07 -17.81 -10.20
CA TYR B 209 -4.84 -17.92 -8.77
C TYR B 209 -6.01 -18.59 -8.05
N ASN B 210 -7.21 -18.52 -8.61
CA ASN B 210 -8.34 -19.16 -7.95
C ASN B 210 -8.13 -20.67 -7.90
N GLU B 211 -7.48 -21.21 -8.93
CA GLU B 211 -7.20 -22.64 -8.99
C GLU B 211 -6.20 -23.02 -7.90
N LEU B 212 -5.23 -22.14 -7.68
CA LEU B 212 -4.21 -22.40 -6.66
C LEU B 212 -4.78 -22.23 -5.25
N ILE B 213 -5.60 -21.20 -5.06
CA ILE B 213 -6.21 -20.97 -3.75
C ILE B 213 -7.11 -22.15 -3.38
N GLN B 214 -7.87 -22.65 -4.34
CA GLN B 214 -8.75 -23.79 -4.07
C GLN B 214 -7.96 -25.03 -3.67
N LYS B 215 -6.74 -25.15 -4.20
CA LYS B 215 -5.88 -26.29 -3.86
C LYS B 215 -5.21 -26.10 -2.51
N GLY B 216 -5.48 -24.98 -1.84
CA GLY B 216 -4.88 -24.74 -0.55
C GLY B 216 -3.52 -24.10 -0.55
N LEU B 217 -3.09 -23.56 -1.69
CA LEU B 217 -1.78 -22.92 -1.76
C LEU B 217 -1.88 -21.54 -1.10
N ASN B 218 -0.74 -21.07 -0.58
CA ASN B 218 -0.68 -19.81 0.13
C ASN B 218 -0.43 -18.61 -0.79
N ILE B 219 -1.51 -17.96 -1.21
CA ILE B 219 -1.42 -16.81 -2.11
C ILE B 219 -1.65 -15.49 -1.38
N HIS B 220 -0.76 -14.52 -1.61
CA HIS B 220 -0.85 -13.22 -0.97
C HIS B 220 -0.86 -12.08 -1.97
N TYR B 221 -1.05 -10.86 -1.47
CA TYR B 221 -0.97 -9.69 -2.32
C TYR B 221 0.12 -8.81 -1.71
N HIS B 222 0.59 -7.87 -2.51
CA HIS B 222 1.59 -6.92 -2.04
C HIS B 222 1.13 -5.58 -2.56
N LEU B 223 0.79 -4.70 -1.64
CA LEU B 223 0.29 -3.39 -1.98
C LEU B 223 1.38 -2.37 -2.25
N ILE B 224 1.29 -1.68 -3.38
CA ILE B 224 2.26 -0.63 -3.69
C ILE B 224 1.48 0.67 -3.85
N ALA B 225 2.20 1.78 -3.79
CA ALA B 225 1.59 3.10 -3.93
C ALA B 225 1.37 3.42 -5.41
N ARG B 226 0.35 4.22 -5.69
CA ARG B 226 0.04 4.57 -7.07
C ARG B 226 1.20 5.21 -7.82
N HIS B 227 2.01 6.00 -7.13
CA HIS B 227 3.13 6.66 -7.78
C HIS B 227 4.28 5.73 -8.16
N GLU B 228 4.17 4.48 -7.74
CA GLU B 228 5.21 3.49 -8.03
C GLU B 228 4.94 2.68 -9.31
N VAL B 229 3.80 2.94 -9.94
CA VAL B 229 3.46 2.22 -11.16
C VAL B 229 2.97 3.21 -12.21
N ILE B 230 3.45 3.03 -13.45
CA ILE B 230 3.04 3.90 -14.55
C ILE B 230 2.47 3.00 -15.65
N PHE B 231 1.22 3.26 -16.02
CA PHE B 231 0.58 2.47 -17.07
C PHE B 231 0.70 3.22 -18.38
N CYS B 232 1.06 2.50 -19.43
CA CYS B 232 1.24 3.08 -20.75
C CYS B 232 0.75 2.03 -21.75
N GLY B 233 -0.48 1.56 -21.54
CA GLY B 233 -1.05 0.54 -22.40
C GLY B 233 -2.07 0.98 -23.43
N VAL B 234 -2.52 2.23 -23.36
CA VAL B 234 -3.46 2.77 -24.34
C VAL B 234 -2.85 4.06 -24.88
N PRO B 235 -3.24 4.48 -26.10
CA PRO B 235 -2.71 5.70 -26.70
C PRO B 235 -2.71 6.95 -25.83
N ASP B 236 -3.81 7.19 -25.12
CA ASP B 236 -3.90 8.37 -24.26
C ASP B 236 -2.84 8.35 -23.15
N GLU B 237 -2.54 7.16 -22.64
CA GLU B 237 -1.54 7.02 -21.58
C GLU B 237 -0.13 7.27 -22.13
N TYR B 238 0.10 6.87 -23.37
CA TYR B 238 1.40 7.07 -23.98
C TYR B 238 1.62 8.57 -24.18
N THR B 239 0.56 9.27 -24.57
CA THR B 239 0.60 10.71 -24.78
C THR B 239 0.85 11.39 -23.44
N ASP B 240 0.14 10.94 -22.41
CA ASP B 240 0.32 11.51 -21.09
C ASP B 240 1.74 11.27 -20.60
N PHE B 241 2.28 10.08 -20.89
CA PHE B 241 3.65 9.77 -20.48
C PHE B 241 4.63 10.65 -21.25
N LEU B 242 4.29 10.96 -22.49
CA LEU B 242 5.13 11.80 -23.35
C LEU B 242 5.30 13.21 -22.77
N ARG B 243 4.31 13.65 -21.98
CA ARG B 243 4.38 14.97 -21.39
C ARG B 243 5.20 14.98 -20.09
N GLN B 244 5.06 13.94 -19.28
CA GLN B 244 5.82 13.84 -18.05
C GLN B 244 7.28 13.53 -18.34
MG MG C . 12.76 25.45 11.34
MG MG D . -12.41 -25.82 -10.77
#